data_3C38
#
_entry.id   3C38
#
_cell.length_a   55.656
_cell.length_b   55.656
_cell.length_c   161.415
_cell.angle_alpha   90.00
_cell.angle_beta   90.00
_cell.angle_gamma   90.00
#
_symmetry.space_group_name_H-M   'P 41 21 2'
#
loop_
_entity.id
_entity.type
_entity.pdbx_description
1 polymer 'Autoinducer 2 sensor kinase/phosphatase luxQ'
2 water water
#
_entity_poly.entity_id   1
_entity_poly.type   'polypeptide(L)'
_entity_poly.pdbx_seq_one_letter_code
;GSHMQSYQISSRLMAQEGQRTSVQTSSLIQSLFDFRLAALRIHQDSTAKNASLINALVSRDSSRLDEFFSSVDELELSNA
PDLRFISSHDNILWDDGNASFYGIAQQELNKLIRRVAISGNWHLVQTPSEGKSVHILMRRSSLIEAGTGQVVGYLYVGIV
LNDNFALLENIRSGSNSENLVLAVDTTPLVSTLKGNEPYSLDYVVHSAKDAMRDSFIVGQTFLEVESVPTYLCVYSIQTN
QNVLTLRDNESVPTYLCVYSIQTNQNVRHQ
;
_entity_poly.pdbx_strand_id   A
#
# COMPACT_ATOMS: atom_id res chain seq x y z
N THR A 21 -24.67 -9.53 -5.60
CA THR A 21 -24.42 -10.75 -4.78
C THR A 21 -23.09 -10.69 -4.03
N SER A 22 -23.09 -11.25 -2.83
CA SER A 22 -21.93 -11.29 -1.97
C SER A 22 -20.63 -11.50 -2.74
N VAL A 23 -20.41 -12.74 -3.18
CA VAL A 23 -19.20 -13.09 -3.91
C VAL A 23 -18.92 -12.17 -5.11
N GLN A 24 -19.97 -11.56 -5.65
CA GLN A 24 -19.79 -10.68 -6.79
C GLN A 24 -19.21 -9.30 -6.44
N THR A 25 -19.64 -8.71 -5.32
CA THR A 25 -19.10 -7.41 -4.93
C THR A 25 -17.71 -7.69 -4.38
N SER A 26 -17.60 -8.79 -3.66
CA SER A 26 -16.35 -9.22 -3.05
C SER A 26 -15.33 -9.38 -4.18
N SER A 27 -15.79 -9.99 -5.26
CA SER A 27 -14.95 -10.21 -6.44
C SER A 27 -14.51 -8.88 -7.02
N LEU A 28 -15.46 -7.96 -7.12
CA LEU A 28 -15.20 -6.64 -7.64
C LEU A 28 -14.25 -5.86 -6.72
N ILE A 29 -14.50 -5.92 -5.42
CA ILE A 29 -13.67 -5.22 -4.45
C ILE A 29 -12.21 -5.65 -4.60
N GLN A 30 -12.02 -6.96 -4.74
CA GLN A 30 -10.70 -7.55 -4.90
C GLN A 30 -10.03 -7.04 -6.17
N SER A 31 -10.79 -6.91 -7.25
CA SER A 31 -10.23 -6.46 -8.51
C SER A 31 -9.84 -4.98 -8.42
N LEU A 32 -10.68 -4.21 -7.76
CA LEU A 32 -10.39 -2.81 -7.58
C LEU A 32 -9.10 -2.69 -6.77
N PHE A 33 -8.95 -3.54 -5.76
CA PHE A 33 -7.74 -3.56 -4.94
C PHE A 33 -6.55 -3.95 -5.83
N ASP A 34 -6.68 -5.05 -6.56
CA ASP A 34 -5.62 -5.51 -7.47
C ASP A 34 -5.23 -4.39 -8.43
N PHE A 35 -6.24 -3.70 -8.95
CA PHE A 35 -5.99 -2.61 -9.89
C PHE A 35 -5.01 -1.57 -9.34
N ARG A 36 -5.20 -1.14 -8.10
CA ARG A 36 -4.30 -0.14 -7.52
C ARG A 36 -2.87 -0.69 -7.38
N LEU A 37 -2.75 -1.93 -6.93
CA LEU A 37 -1.42 -2.55 -6.77
C LEU A 37 -0.72 -2.73 -8.12
N ALA A 38 -1.48 -3.08 -9.14
CA ALA A 38 -0.94 -3.25 -10.49
C ALA A 38 -0.36 -1.92 -10.99
N ALA A 39 -1.09 -0.82 -10.79
CA ALA A 39 -0.60 0.47 -11.22
C ALA A 39 0.76 0.80 -10.58
N LEU A 40 0.87 0.54 -9.28
CA LEU A 40 2.11 0.83 -8.58
C LEU A 40 3.24 -0.08 -9.02
N ARG A 41 2.92 -1.34 -9.26
CA ARG A 41 3.92 -2.31 -9.71
C ARG A 41 4.48 -1.90 -11.06
N ILE A 42 3.58 -1.60 -12.00
CA ILE A 42 3.95 -1.18 -13.35
C ILE A 42 4.89 0.02 -13.32
N HIS A 43 4.50 1.08 -12.63
CA HIS A 43 5.34 2.26 -12.55
C HIS A 43 6.66 1.95 -11.86
N GLN A 44 6.60 1.13 -10.80
CA GLN A 44 7.80 0.76 -10.07
C GLN A 44 8.81 0.05 -10.98
N ASP A 45 8.37 -1.03 -11.62
CA ASP A 45 9.23 -1.81 -12.51
C ASP A 45 9.75 -1.05 -13.72
N SER A 46 8.98 -0.06 -14.15
CA SER A 46 9.36 0.76 -15.28
C SER A 46 10.41 1.78 -14.84
N THR A 47 10.25 2.33 -13.65
CA THR A 47 11.18 3.30 -13.14
C THR A 47 12.48 2.61 -12.70
N ALA A 48 12.37 1.32 -12.38
CA ALA A 48 13.52 0.54 -11.95
C ALA A 48 14.52 0.40 -13.08
N LYS A 49 14.07 0.66 -14.30
CA LYS A 49 14.91 0.55 -15.49
C LYS A 49 15.26 1.90 -16.11
N ASN A 50 15.03 2.97 -15.39
CA ASN A 50 15.33 4.29 -15.93
C ASN A 50 16.79 4.67 -15.68
N ALA A 51 17.57 4.72 -16.76
CA ALA A 51 18.97 5.07 -16.67
C ALA A 51 19.18 6.24 -15.71
N SER A 52 18.38 7.29 -15.88
CA SER A 52 18.47 8.46 -15.02
C SER A 52 18.55 8.01 -13.56
N LEU A 53 17.61 7.17 -13.15
CA LEU A 53 17.60 6.67 -11.78
C LEU A 53 18.91 5.94 -11.49
N ILE A 54 19.26 4.99 -12.35
CA ILE A 54 20.47 4.21 -12.16
C ILE A 54 21.73 5.05 -12.02
N ASN A 55 21.91 6.05 -12.89
CA ASN A 55 23.13 6.86 -12.78
C ASN A 55 23.05 7.83 -11.61
N ALA A 56 21.89 8.46 -11.42
CA ALA A 56 21.73 9.39 -10.31
C ALA A 56 22.11 8.64 -9.04
N LEU A 57 21.80 7.35 -9.04
CA LEU A 57 22.10 6.48 -7.91
C LEU A 57 23.58 6.18 -7.78
N VAL A 58 24.14 5.50 -8.78
CA VAL A 58 25.55 5.13 -8.77
C VAL A 58 26.45 6.25 -8.26
N SER A 59 26.04 7.49 -8.52
CA SER A 59 26.80 8.66 -8.08
C SER A 59 26.72 8.74 -6.57
N ARG A 60 25.87 7.89 -5.99
CA ARG A 60 25.71 7.87 -4.56
C ARG A 60 25.41 9.30 -4.10
N ASP A 61 24.95 10.13 -5.04
CA ASP A 61 24.60 11.51 -4.72
C ASP A 61 23.18 11.41 -4.17
N SER A 62 23.10 10.90 -2.94
CA SER A 62 21.86 10.70 -2.20
C SER A 62 20.87 11.80 -2.52
N SER A 63 21.35 13.03 -2.41
CA SER A 63 20.53 14.19 -2.65
C SER A 63 20.12 14.44 -4.10
N ARG A 64 20.77 13.77 -5.06
CA ARG A 64 20.40 13.97 -6.46
C ARG A 64 19.18 13.14 -6.81
N LEU A 65 19.10 11.95 -6.23
CA LEU A 65 17.99 11.03 -6.46
C LEU A 65 16.68 11.73 -6.12
N ASP A 66 16.77 12.80 -5.31
CA ASP A 66 15.59 13.54 -4.91
C ASP A 66 14.82 14.20 -6.06
N GLU A 67 15.44 15.04 -6.88
CA GLU A 67 14.67 15.65 -7.97
C GLU A 67 14.11 14.60 -8.91
N PHE A 68 14.85 13.51 -9.09
CA PHE A 68 14.41 12.45 -9.98
C PHE A 68 13.01 11.95 -9.66
N PHE A 69 12.82 11.40 -8.46
CA PHE A 69 11.52 10.88 -8.07
C PHE A 69 10.47 11.98 -8.05
N SER A 70 10.91 13.20 -7.80
CA SER A 70 10.00 14.32 -7.78
C SER A 70 9.46 14.49 -9.20
N SER A 71 10.31 14.19 -10.18
CA SER A 71 9.95 14.28 -11.59
C SER A 71 8.98 13.18 -11.99
N VAL A 72 9.24 11.97 -11.49
CA VAL A 72 8.40 10.82 -11.79
C VAL A 72 6.98 11.08 -11.31
N ASP A 73 6.86 11.58 -10.09
CA ASP A 73 5.55 11.88 -9.51
C ASP A 73 5.00 13.18 -10.08
N GLU A 74 5.89 14.12 -10.36
CA GLU A 74 5.48 15.40 -10.94
C GLU A 74 4.45 15.18 -12.03
N LEU A 75 4.66 14.11 -12.79
CA LEU A 75 3.79 13.76 -13.90
C LEU A 75 2.73 12.70 -13.58
N GLU A 76 2.74 12.18 -12.36
CA GLU A 76 1.79 11.15 -11.96
C GLU A 76 1.49 11.08 -10.47
N LEU A 77 1.57 12.23 -9.80
CA LEU A 77 1.32 12.32 -8.36
C LEU A 77 0.17 11.40 -7.92
N SER A 78 -0.83 11.28 -8.77
CA SER A 78 -1.99 10.44 -8.49
C SER A 78 -1.64 8.99 -8.14
N ASN A 79 -0.81 8.36 -8.96
CA ASN A 79 -0.42 6.96 -8.73
C ASN A 79 0.90 6.77 -7.99
N ALA A 80 1.28 7.73 -7.15
CA ALA A 80 2.54 7.61 -6.42
C ALA A 80 2.38 6.75 -5.17
N PRO A 81 3.47 6.09 -4.74
CA PRO A 81 3.46 5.23 -3.55
C PRO A 81 3.50 6.18 -2.35
N ASP A 82 3.22 5.68 -1.14
CA ASP A 82 3.27 6.57 0.02
C ASP A 82 4.70 6.73 0.50
N LEU A 83 5.54 5.76 0.15
CA LEU A 83 6.93 5.82 0.54
C LEU A 83 7.84 5.02 -0.38
N ARG A 84 9.02 5.58 -0.61
CA ARG A 84 10.03 4.98 -1.46
C ARG A 84 11.38 5.07 -0.76
N PHE A 85 12.22 4.06 -0.96
CA PHE A 85 13.57 4.09 -0.43
C PHE A 85 14.38 3.04 -1.18
N ILE A 86 15.67 3.31 -1.36
CA ILE A 86 16.55 2.39 -2.08
C ILE A 86 17.53 1.70 -1.15
N SER A 87 17.58 0.38 -1.25
CA SER A 87 18.47 -0.43 -0.42
C SER A 87 19.61 -1.07 -1.20
N SER A 88 20.68 -1.38 -0.46
CA SER A 88 21.85 -2.04 -0.99
C SER A 88 22.29 -2.81 0.24
N HIS A 89 21.77 -4.03 0.37
CA HIS A 89 22.02 -4.88 1.53
C HIS A 89 21.34 -4.13 2.68
N ASP A 90 21.65 -4.48 3.92
CA ASP A 90 21.01 -3.83 5.05
C ASP A 90 21.26 -2.33 5.11
N ASN A 91 21.87 -1.78 4.07
CA ASN A 91 22.16 -0.35 4.04
C ASN A 91 21.02 0.38 3.33
N ILE A 92 20.85 1.66 3.62
CA ILE A 92 19.80 2.47 3.00
C ILE A 92 20.52 3.65 2.37
N LEU A 93 20.67 3.60 1.04
CA LEU A 93 21.35 4.66 0.31
C LEU A 93 20.47 5.89 0.20
N TRP A 94 19.17 5.67 0.05
CA TRP A 94 18.23 6.78 -0.09
C TRP A 94 16.87 6.49 0.55
N ASP A 95 16.14 7.57 0.86
CA ASP A 95 14.83 7.50 1.49
C ASP A 95 14.10 8.80 1.11
N ASP A 96 12.91 8.69 0.53
CA ASP A 96 12.18 9.89 0.14
C ASP A 96 11.76 10.72 1.34
N GLY A 97 12.03 10.19 2.54
CA GLY A 97 11.69 10.90 3.76
C GLY A 97 10.23 10.92 4.19
N ASN A 98 9.38 10.11 3.56
CA ASN A 98 7.97 10.08 3.94
C ASN A 98 7.71 9.16 5.11
N ALA A 99 8.57 8.16 5.28
CA ALA A 99 8.40 7.21 6.37
C ALA A 99 8.20 7.97 7.67
N SER A 100 8.91 9.09 7.80
CA SER A 100 8.85 9.93 8.98
C SER A 100 7.45 10.48 9.24
N PHE A 101 6.80 10.94 8.18
CA PHE A 101 5.46 11.49 8.32
C PHE A 101 4.52 10.44 8.87
N TYR A 102 4.86 9.17 8.64
CA TYR A 102 4.02 8.08 9.12
C TYR A 102 4.48 7.57 10.49
N GLY A 103 5.47 8.23 11.06
CA GLY A 103 5.97 7.83 12.36
C GLY A 103 6.78 6.55 12.30
N ILE A 104 7.29 6.24 11.11
CA ILE A 104 8.10 5.06 10.90
C ILE A 104 9.55 5.47 11.16
N ALA A 105 10.22 4.76 12.07
CA ALA A 105 11.60 5.07 12.40
C ALA A 105 12.56 4.48 11.39
N GLN A 106 13.54 5.28 10.99
CA GLN A 106 14.54 4.86 10.01
C GLN A 106 15.01 3.42 10.24
N GLN A 107 15.12 3.01 11.51
CA GLN A 107 15.59 1.66 11.84
C GLN A 107 14.58 0.58 11.50
N GLU A 108 13.29 0.90 11.61
CA GLU A 108 12.26 -0.07 11.30
C GLU A 108 12.25 -0.30 9.78
N LEU A 109 12.61 0.75 9.05
CA LEU A 109 12.68 0.67 7.60
C LEU A 109 13.74 -0.35 7.22
N ASN A 110 14.83 -0.41 7.99
CA ASN A 110 15.92 -1.35 7.76
C ASN A 110 15.44 -2.78 7.94
N LYS A 111 14.57 -2.95 8.93
CA LYS A 111 14.03 -4.27 9.23
C LYS A 111 13.12 -4.78 8.10
N LEU A 112 12.52 -3.84 7.38
CA LEU A 112 11.62 -4.17 6.26
C LEU A 112 12.42 -4.74 5.10
N ILE A 113 13.66 -4.27 4.96
CA ILE A 113 14.55 -4.73 3.90
C ILE A 113 14.54 -6.25 3.88
N ARG A 114 14.74 -6.83 5.05
CA ARG A 114 14.78 -8.28 5.20
C ARG A 114 13.40 -8.89 4.96
N ARG A 115 12.40 -8.29 5.59
N ARG A 115 12.40 -8.29 5.59
CA ARG A 115 11.02 -8.78 5.50
CA ARG A 115 11.02 -8.77 5.51
C ARG A 115 10.58 -9.02 4.06
C ARG A 115 10.57 -9.02 4.07
N VAL A 116 10.84 -8.07 3.18
CA VAL A 116 10.46 -8.19 1.78
C VAL A 116 11.66 -8.79 1.04
N ALA A 117 11.90 -10.07 1.29
CA ALA A 117 13.03 -10.80 0.71
C ALA A 117 13.08 -10.87 -0.81
N ILE A 118 12.00 -11.37 -1.41
CA ILE A 118 11.96 -11.52 -2.86
C ILE A 118 11.39 -10.34 -3.66
N SER A 119 11.71 -10.31 -4.96
CA SER A 119 11.26 -9.25 -5.86
C SER A 119 10.00 -9.66 -6.64
N GLY A 120 9.33 -8.67 -7.24
CA GLY A 120 8.16 -8.95 -8.05
C GLY A 120 6.91 -9.39 -7.31
N ASN A 121 6.92 -9.33 -5.99
CA ASN A 121 5.75 -9.71 -5.19
C ASN A 121 5.47 -8.71 -4.08
N TRP A 122 4.20 -8.35 -3.93
CA TRP A 122 3.77 -7.43 -2.89
C TRP A 122 3.84 -8.17 -1.55
N HIS A 123 4.23 -7.47 -0.50
CA HIS A 123 4.32 -8.06 0.82
C HIS A 123 3.51 -7.24 1.82
N LEU A 124 2.62 -7.91 2.55
CA LEU A 124 1.82 -7.26 3.56
C LEU A 124 2.64 -7.34 4.83
N VAL A 125 3.15 -6.20 5.29
CA VAL A 125 3.97 -6.14 6.48
C VAL A 125 3.46 -5.07 7.43
N GLN A 126 3.85 -5.16 8.69
N GLN A 126 3.80 -5.18 8.71
CA GLN A 126 3.39 -4.21 9.70
CA GLN A 126 3.37 -4.18 9.67
C GLN A 126 4.61 -3.70 10.45
C GLN A 126 4.59 -3.70 10.46
N THR A 127 4.63 -2.41 10.75
CA THR A 127 5.75 -1.84 11.48
C THR A 127 5.29 -0.98 12.63
N PRO A 128 6.08 -0.92 13.71
CA PRO A 128 5.71 -0.11 14.87
C PRO A 128 5.88 1.35 14.46
N SER A 129 4.95 2.19 14.90
CA SER A 129 5.02 3.61 14.58
C SER A 129 5.08 4.34 15.90
N GLU A 130 4.70 5.61 15.92
CA GLU A 130 4.69 6.38 17.15
C GLU A 130 3.38 6.06 17.86
N GLY A 131 2.79 4.95 17.47
CA GLY A 131 1.54 4.52 18.06
C GLY A 131 1.20 3.11 17.60
N LYS A 132 -0.06 2.90 17.27
CA LYS A 132 -0.52 1.61 16.80
C LYS A 132 0.36 1.15 15.63
N SER A 133 0.41 -0.15 15.40
CA SER A 133 1.22 -0.69 14.32
C SER A 133 0.64 -0.29 12.98
N VAL A 134 1.52 0.14 12.08
CA VAL A 134 1.15 0.56 10.74
C VAL A 134 1.23 -0.61 9.76
N HIS A 135 0.15 -0.81 9.00
CA HIS A 135 0.10 -1.88 8.00
C HIS A 135 0.52 -1.32 6.62
N ILE A 136 1.48 -1.99 5.99
CA ILE A 136 2.03 -1.53 4.73
C ILE A 136 2.14 -2.62 3.68
N LEU A 137 1.83 -2.27 2.43
CA LEU A 137 1.97 -3.20 1.31
C LEU A 137 3.27 -2.73 0.66
N MET A 138 4.27 -3.61 0.64
CA MET A 138 5.55 -3.23 0.05
C MET A 138 5.97 -4.14 -1.07
N ARG A 139 6.80 -3.61 -1.95
CA ARG A 139 7.29 -4.37 -3.08
C ARG A 139 8.68 -3.88 -3.46
N ARG A 140 9.55 -4.83 -3.81
CA ARG A 140 10.94 -4.53 -4.18
C ARG A 140 11.20 -4.75 -5.67
N SER A 141 11.98 -3.86 -6.27
CA SER A 141 12.33 -4.00 -7.68
C SER A 141 13.83 -3.78 -7.88
N SER A 142 14.50 -4.78 -8.43
CA SER A 142 15.95 -4.71 -8.66
C SER A 142 16.36 -3.52 -9.51
N LEU A 143 17.47 -2.89 -9.12
CA LEU A 143 18.00 -1.75 -9.85
C LEU A 143 19.29 -2.22 -10.51
N ILE A 144 19.19 -2.58 -11.78
CA ILE A 144 20.35 -3.07 -12.53
C ILE A 144 20.95 -1.96 -13.38
N GLU A 145 22.17 -2.16 -13.87
CA GLU A 145 22.80 -1.13 -14.66
C GLU A 145 23.06 -1.52 -16.11
N ALA A 146 23.09 -0.50 -16.98
CA ALA A 146 23.31 -0.68 -18.40
C ALA A 146 24.18 -1.87 -18.79
N GLY A 147 23.54 -2.87 -19.39
CA GLY A 147 24.22 -4.08 -19.85
C GLY A 147 25.40 -4.56 -19.01
N GLY A 149 27.33 -4.22 -16.36
CA GLY A 149 27.22 -4.38 -14.93
C GLY A 149 25.84 -4.86 -14.54
N GLN A 150 25.55 -4.92 -13.24
CA GLN A 150 24.22 -5.36 -12.78
C GLN A 150 23.70 -4.65 -11.51
N VAL A 151 23.00 -5.38 -10.63
CA VAL A 151 22.40 -4.79 -9.42
C VAL A 151 23.16 -3.72 -8.65
N VAL A 152 22.68 -2.49 -8.73
CA VAL A 152 23.27 -1.36 -8.03
C VAL A 152 22.48 -1.14 -6.73
N GLY A 153 21.35 -1.84 -6.62
CA GLY A 153 20.51 -1.70 -5.44
C GLY A 153 19.08 -2.18 -5.67
N TYR A 154 18.20 -1.78 -4.78
CA TYR A 154 16.80 -2.16 -4.87
C TYR A 154 15.92 -0.97 -4.51
N LEU A 155 14.83 -0.83 -5.24
CA LEU A 155 13.88 0.24 -5.00
C LEU A 155 12.68 -0.39 -4.30
N TYR A 156 12.35 0.15 -3.14
CA TYR A 156 11.23 -0.34 -2.36
C TYR A 156 10.15 0.74 -2.39
N VAL A 157 8.92 0.32 -2.65
CA VAL A 157 7.79 1.24 -2.65
C VAL A 157 6.75 0.66 -1.70
N GLY A 158 6.06 1.53 -0.99
CA GLY A 158 5.05 1.04 -0.06
C GLY A 158 3.79 1.88 -0.07
N ILE A 159 2.70 1.23 0.32
CA ILE A 159 1.38 1.87 0.45
C ILE A 159 0.99 1.68 1.90
N VAL A 160 0.75 2.77 2.62
CA VAL A 160 0.35 2.67 4.01
C VAL A 160 -1.17 2.58 4.07
N LEU A 161 -1.67 1.50 4.66
CA LEU A 161 -3.12 1.29 4.75
C LEU A 161 -3.82 2.12 5.82
N ASN A 162 -3.18 2.30 6.97
CA ASN A 162 -3.77 3.09 8.06
C ASN A 162 -4.15 4.47 7.54
N ASP A 163 -5.39 4.85 7.78
CA ASP A 163 -5.89 6.16 7.37
C ASP A 163 -5.75 6.49 5.89
N ASN A 164 -5.53 5.49 5.05
CA ASN A 164 -5.42 5.77 3.63
C ASN A 164 -6.83 5.90 3.04
N PHE A 165 -7.41 7.09 3.22
CA PHE A 165 -8.76 7.35 2.74
C PHE A 165 -8.89 7.25 1.23
N ALA A 166 -7.91 7.79 0.51
CA ALA A 166 -7.94 7.78 -0.94
C ALA A 166 -8.05 6.36 -1.51
N LEU A 167 -7.29 5.45 -0.95
CA LEU A 167 -7.33 4.06 -1.42
C LEU A 167 -8.71 3.43 -1.25
N LEU A 168 -9.26 3.55 -0.04
CA LEU A 168 -10.55 2.96 0.28
C LEU A 168 -11.71 3.60 -0.47
N GLU A 169 -11.69 4.92 -0.58
CA GLU A 169 -12.73 5.67 -1.26
C GLU A 169 -12.74 5.31 -2.74
N ASN A 170 -11.55 5.11 -3.31
CA ASN A 170 -11.41 4.74 -4.70
C ASN A 170 -12.06 3.37 -4.93
N ILE A 171 -11.98 2.48 -3.94
CA ILE A 171 -12.59 1.16 -4.06
C ILE A 171 -14.11 1.27 -3.85
N ARG A 172 -14.51 2.15 -2.93
CA ARG A 172 -15.92 2.36 -2.64
C ARG A 172 -16.62 2.87 -3.88
N SER A 173 -16.07 3.91 -4.51
CA SER A 173 -16.71 4.46 -5.69
C SER A 173 -16.66 3.45 -6.84
N GLY A 174 -15.48 2.87 -7.06
CA GLY A 174 -15.33 1.90 -8.13
C GLY A 174 -16.29 0.73 -8.03
N SER A 175 -16.76 0.45 -6.82
CA SER A 175 -17.71 -0.64 -6.60
C SER A 175 -19.10 -0.09 -6.33
N ASN A 176 -19.22 1.23 -6.36
CA ASN A 176 -20.49 1.91 -6.10
C ASN A 176 -21.09 1.49 -4.77
N SER A 177 -20.23 1.22 -3.79
CA SER A 177 -20.68 0.81 -2.47
C SER A 177 -21.10 2.02 -1.65
N GLU A 178 -22.04 1.80 -0.72
CA GLU A 178 -22.52 2.85 0.16
C GLU A 178 -21.40 3.34 1.05
N ASN A 179 -20.73 2.39 1.69
CA ASN A 179 -19.64 2.68 2.59
C ASN A 179 -18.77 1.45 2.75
N LEU A 180 -17.49 1.68 3.03
CA LEU A 180 -16.54 0.60 3.25
C LEU A 180 -15.71 0.87 4.50
N VAL A 181 -15.23 -0.21 5.10
CA VAL A 181 -14.38 -0.12 6.28
C VAL A 181 -13.27 -1.16 6.11
N LEU A 182 -12.03 -0.70 6.10
CA LEU A 182 -10.91 -1.60 5.96
C LEU A 182 -10.42 -1.86 7.39
N ALA A 183 -10.39 -3.13 7.77
CA ALA A 183 -9.97 -3.46 9.11
C ALA A 183 -9.10 -4.69 9.22
N VAL A 184 -8.49 -4.84 10.38
CA VAL A 184 -7.64 -5.98 10.71
C VAL A 184 -8.29 -6.54 11.97
N ASP A 185 -8.99 -7.65 11.83
CA ASP A 185 -9.67 -8.30 12.95
C ASP A 185 -10.86 -7.44 13.38
N THR A 186 -10.70 -6.68 14.47
CA THR A 186 -11.78 -5.84 14.94
C THR A 186 -11.36 -4.38 14.89
N THR A 187 -10.09 -4.15 14.58
CA THR A 187 -9.53 -2.82 14.52
C THR A 187 -9.58 -2.22 13.11
N PRO A 188 -10.25 -1.08 12.97
CA PRO A 188 -10.37 -0.40 11.68
C PRO A 188 -9.08 0.33 11.28
N LEU A 189 -8.69 0.19 10.01
CA LEU A 189 -7.52 0.90 9.51
C LEU A 189 -8.00 2.23 8.91
N VAL A 190 -9.03 2.16 8.09
CA VAL A 190 -9.59 3.36 7.48
C VAL A 190 -11.05 3.08 7.14
N SER A 191 -11.86 4.13 7.12
CA SER A 191 -13.29 4.02 6.85
C SER A 191 -13.78 5.17 5.99
N THR A 192 -14.85 4.93 5.23
CA THR A 192 -15.42 5.96 4.39
C THR A 192 -16.66 6.59 5.04
N LEU A 193 -17.08 6.08 6.21
CA LEU A 193 -18.26 6.61 6.90
C LEU A 193 -18.13 8.11 7.21
N LYS A 194 -19.19 8.87 6.90
CA LYS A 194 -19.20 10.31 7.17
C LYS A 194 -19.47 10.57 8.64
N GLY A 195 -20.30 9.74 9.24
CA GLY A 195 -20.61 9.91 10.65
C GLY A 195 -22.08 10.22 10.86
N ASN A 196 -22.76 10.55 9.77
CA ASN A 196 -24.17 10.89 9.84
C ASN A 196 -25.03 9.71 9.42
N GLU A 197 -24.42 8.52 9.36
CA GLU A 197 -25.14 7.30 8.97
C GLU A 197 -25.94 6.72 10.14
N PRO A 198 -26.96 5.89 9.83
CA PRO A 198 -27.82 5.25 10.82
C PRO A 198 -27.03 4.20 11.60
N TYR A 199 -25.93 3.75 11.01
CA TYR A 199 -25.07 2.75 11.63
C TYR A 199 -23.69 3.34 11.94
N SER A 200 -23.09 2.89 13.04
CA SER A 200 -21.78 3.39 13.44
C SER A 200 -20.63 2.50 12.95
N LEU A 201 -19.41 3.03 13.01
CA LEU A 201 -18.24 2.26 12.58
C LEU A 201 -18.15 1.01 13.42
N ASP A 202 -18.37 1.19 14.73
CA ASP A 202 -18.34 0.11 15.71
C ASP A 202 -19.28 -1.02 15.32
N TYR A 203 -20.50 -0.67 14.90
CA TYR A 203 -21.49 -1.67 14.49
C TYR A 203 -20.99 -2.42 13.25
N VAL A 204 -20.57 -1.67 12.25
CA VAL A 204 -20.06 -2.23 11.01
C VAL A 204 -18.91 -3.21 11.29
N VAL A 205 -17.92 -2.86 12.13
CA VAL A 205 -16.83 -3.82 12.35
C VAL A 205 -17.21 -5.04 13.15
N HIS A 206 -18.08 -4.90 14.15
CA HIS A 206 -18.42 -6.11 14.89
C HIS A 206 -19.67 -6.76 14.35
N SER A 207 -20.05 -6.41 13.13
CA SER A 207 -21.26 -6.99 12.54
C SER A 207 -21.03 -8.39 12.00
N ALA A 208 -22.12 -9.14 11.84
CA ALA A 208 -22.04 -10.49 11.31
C ALA A 208 -22.22 -10.35 9.80
N LYS A 209 -21.36 -11.03 9.04
CA LYS A 209 -21.37 -10.96 7.59
C LYS A 209 -22.62 -11.43 6.86
N ASP A 210 -22.85 -10.83 5.69
CA ASP A 210 -23.98 -11.10 4.83
C ASP A 210 -25.26 -11.60 5.53
N ALA A 211 -25.76 -10.80 6.48
CA ALA A 211 -27.00 -11.07 7.24
C ALA A 211 -28.10 -10.10 6.79
N ASP A 214 -31.60 -7.84 7.90
CA ASP A 214 -31.36 -6.56 8.56
C ASP A 214 -31.52 -5.39 7.63
N SER A 215 -31.55 -4.21 8.22
CA SER A 215 -31.69 -2.99 7.46
C SER A 215 -30.42 -2.68 6.69
N PHE A 216 -29.27 -2.90 7.33
CA PHE A 216 -28.01 -2.63 6.67
C PHE A 216 -27.15 -3.86 6.53
N ILE A 217 -27.23 -4.49 5.37
CA ILE A 217 -26.48 -5.70 5.07
C ILE A 217 -24.98 -5.39 4.99
N VAL A 218 -24.18 -6.13 5.76
CA VAL A 218 -22.74 -5.91 5.76
C VAL A 218 -21.95 -7.09 5.21
N GLY A 219 -21.36 -6.89 4.03
CA GLY A 219 -20.57 -7.94 3.44
C GLY A 219 -19.14 -7.89 3.97
N GLN A 220 -18.43 -9.01 3.87
CA GLN A 220 -17.04 -9.10 4.32
C GLN A 220 -16.20 -9.65 3.19
N THR A 221 -15.03 -9.04 2.97
CA THR A 221 -14.13 -9.48 1.92
C THR A 221 -12.69 -9.46 2.40
N PHE A 222 -12.08 -10.63 2.51
CA PHE A 222 -10.70 -10.69 2.93
C PHE A 222 -9.88 -10.61 1.66
N LEU A 223 -9.06 -9.56 1.57
CA LEU A 223 -8.24 -9.31 0.40
C LEU A 223 -7.05 -10.26 0.22
N GLU A 224 -6.84 -10.67 -1.03
CA GLU A 224 -5.71 -11.52 -1.34
C GLU A 224 -4.62 -10.57 -1.88
N VAL A 225 -3.37 -10.86 -1.53
CA VAL A 225 -2.24 -10.08 -2.02
C VAL A 225 -1.40 -11.12 -2.76
N GLU A 226 -1.22 -10.93 -4.06
CA GLU A 226 -0.47 -11.90 -4.86
C GLU A 226 -1.20 -13.24 -4.75
N SER A 227 -2.51 -13.20 -4.94
CA SER A 227 -3.36 -14.39 -4.85
C SER A 227 -3.22 -15.16 -3.54
N VAL A 228 -2.65 -14.51 -2.53
CA VAL A 228 -2.46 -15.14 -1.22
C VAL A 228 -3.40 -14.51 -0.17
N PRO A 229 -4.08 -15.35 0.63
CA PRO A 229 -5.02 -14.87 1.66
C PRO A 229 -4.37 -13.98 2.70
N THR A 230 -5.03 -12.89 3.07
CA THR A 230 -4.50 -12.00 4.09
C THR A 230 -5.56 -11.76 5.15
N TYR A 231 -5.18 -11.02 6.19
CA TYR A 231 -6.08 -10.69 7.28
C TYR A 231 -6.77 -9.32 7.06
N LEU A 232 -6.54 -8.70 5.91
CA LEU A 232 -7.15 -7.42 5.59
C LEU A 232 -8.60 -7.68 5.19
N CYS A 233 -9.54 -7.17 5.99
CA CYS A 233 -10.96 -7.37 5.73
C CYS A 233 -11.72 -6.10 5.36
N VAL A 234 -12.37 -6.14 4.22
CA VAL A 234 -13.13 -4.99 3.78
C VAL A 234 -14.61 -5.23 4.06
N TYR A 235 -15.17 -4.40 4.92
CA TYR A 235 -16.60 -4.50 5.25
C TYR A 235 -17.33 -3.57 4.29
N SER A 236 -18.32 -4.12 3.59
CA SER A 236 -19.10 -3.33 2.64
C SER A 236 -20.53 -3.26 3.19
N ILE A 237 -21.07 -2.05 3.21
CA ILE A 237 -22.41 -1.86 3.75
C ILE A 237 -23.41 -1.45 2.70
N GLN A 238 -24.54 -2.15 2.69
CA GLN A 238 -25.60 -1.86 1.74
C GLN A 238 -26.95 -1.98 2.44
N THR A 239 -27.86 -1.04 2.15
CA THR A 239 -29.19 -1.03 2.76
C THR A 239 -30.15 -1.83 1.88
N ASN A 240 -31.09 -2.55 2.49
CA ASN A 240 -32.05 -3.35 1.72
C ASN A 240 -32.83 -2.54 0.68
#